data_6HG7
#
_entry.id   6HG7
#
_cell.length_a   31.970
_cell.length_b   23.640
_cell.length_c   107.939
_cell.angle_alpha   90.000
_cell.angle_beta   92.702
_cell.angle_gamma   90.000
#
_symmetry.space_group_name_H-M   'I 1 2 1'
#
loop_
_entity.id
_entity.type
_entity.pdbx_description
1 polymer 'Collagen alpha-1(II) chain'
2 non-polymer 'SULFATE ION'
3 water water
#
_entity_poly.entity_id   1
_entity_poly.type   'polypeptide(L)'
_entity_poly.pdbx_seq_one_letter_code
;(ACE)P(HYP)GP(HYP)GP(HYP)GP(HYP)GLKGHRGFTGLQGP(HYP)GP(HYP)GP(HYP)GP(HYP)G(NH2)
;
_entity_poly.pdbx_strand_id   A,B,C
#
# COMPACT_ATOMS: atom_id res chain seq x y z
N PRO A 2 -39.51 -25.10 10.74
CA PRO A 2 -38.50 -24.93 9.71
C PRO A 2 -37.23 -24.31 10.28
N GLY A 4 -34.23 -21.70 10.81
CA GLY A 4 -34.30 -20.27 10.77
C GLY A 4 -33.74 -19.72 9.47
N PRO A 5 -34.00 -18.44 9.24
CA PRO A 5 -33.43 -17.74 8.10
C PRO A 5 -31.91 -17.63 8.22
N GLY A 7 -28.31 -16.01 8.63
CA GLY A 7 -27.84 -14.88 9.41
C GLY A 7 -27.45 -13.71 8.54
N PRO A 8 -27.06 -12.61 9.18
CA PRO A 8 -26.60 -11.45 8.42
C PRO A 8 -25.22 -11.66 7.85
N GLY A 10 -21.28 -11.42 7.31
CA GLY A 10 -20.17 -11.28 8.23
C GLY A 10 -19.62 -9.87 8.26
N PRO A 11 -18.73 -9.64 9.22
CA PRO A 11 -18.08 -8.34 9.30
C PRO A 11 -17.15 -8.13 8.11
N GLY A 13 -13.95 -7.48 5.79
CA GLY A 13 -12.54 -7.76 5.83
C GLY A 13 -11.76 -6.54 6.27
N LEU A 14 -10.54 -6.76 6.74
CA LEU A 14 -9.70 -5.65 7.16
C LEU A 14 -9.15 -4.92 5.94
N LYS A 15 -8.79 -3.67 6.18
CA LYS A 15 -8.12 -2.86 5.18
C LYS A 15 -6.85 -3.56 4.72
N GLY A 16 -6.51 -3.38 3.45
CA GLY A 16 -5.29 -3.94 2.91
C GLY A 16 -4.05 -3.34 3.54
N HIS A 17 -2.95 -4.04 3.32
CA HIS A 17 -1.61 -3.60 3.69
CA HIS A 17 -1.68 -3.52 3.75
C HIS A 17 -1.29 -2.28 2.96
N ARG A 18 -0.55 -1.38 3.61
CA ARG A 18 -0.01 -0.22 2.89
C ARG A 18 0.84 -0.72 1.73
N GLY A 19 0.84 0.04 0.64
CA GLY A 19 1.68 -0.28 -0.48
C GLY A 19 3.17 -0.28 -0.13
N PHE A 20 3.95 -0.90 -1.01
CA PHE A 20 5.40 -0.85 -0.87
C PHE A 20 5.88 0.59 -1.00
N THR A 21 6.98 0.87 -0.30
CA THR A 21 7.62 2.17 -0.44
C THR A 21 8.17 2.32 -1.86
N GLY A 22 8.12 3.54 -2.38
CA GLY A 22 8.58 3.80 -3.72
C GLY A 22 10.08 3.62 -3.89
N LEU A 23 10.49 3.55 -5.14
CA LEU A 23 11.90 3.47 -5.50
C LEU A 23 12.68 4.65 -4.93
N GLN A 24 13.94 4.41 -4.59
CA GLN A 24 14.87 5.50 -4.38
C GLN A 24 14.98 6.29 -5.68
N GLY A 25 15.15 7.60 -5.53
CA GLY A 25 15.26 8.46 -6.68
C GLY A 25 16.58 8.30 -7.41
N PRO A 26 16.67 8.93 -8.58
CA PRO A 26 17.90 8.87 -9.37
C PRO A 26 19.03 9.66 -8.76
N GLY A 28 21.68 12.59 -8.52
CA GLY A 28 21.59 13.97 -8.91
C GLY A 28 22.35 14.32 -10.18
N PRO A 29 22.23 15.57 -10.60
CA PRO A 29 22.93 16.00 -11.80
C PRO A 29 24.43 16.20 -11.53
N GLY A 31 27.87 17.99 -10.98
CA GLY A 31 28.17 19.23 -10.30
C GLY A 31 28.62 20.34 -11.21
N PRO A 32 28.85 21.51 -10.63
CA PRO A 32 29.32 22.66 -11.40
C PRO A 32 30.70 22.42 -12.01
N GLY A 34 34.64 22.89 -12.53
CA GLY A 34 35.69 23.24 -11.60
C GLY A 34 36.21 24.64 -11.78
N PRO A 35 37.04 25.07 -10.85
CA PRO A 35 37.64 26.39 -10.96
C PRO A 35 38.69 26.40 -12.06
N GLY A 37 41.78 26.97 -12.00
CA GLY A 37 43.08 26.52 -11.52
C GLY A 37 43.05 26.47 -10.01
N PRO B 2 -41.58 -28.94 17.95
CA PRO B 2 -40.82 -27.80 18.48
C PRO B 2 -40.36 -26.84 17.39
N GLY B 4 -37.80 -24.84 14.95
CA GLY B 4 -36.69 -25.32 14.14
C GLY B 4 -35.32 -24.94 14.66
N PRO B 5 -34.27 -25.51 14.06
CA PRO B 5 -32.88 -25.19 14.42
C PRO B 5 -32.51 -23.78 14.00
N GLY B 7 -30.86 -20.86 11.95
CA GLY B 7 -30.57 -20.74 10.55
C GLY B 7 -29.09 -20.87 10.22
N PRO B 8 -28.79 -20.98 8.93
CA PRO B 8 -27.41 -21.06 8.47
C PRO B 8 -26.68 -19.75 8.65
N GLY B 10 -24.89 -16.36 7.63
CA GLY B 10 -25.08 -15.38 6.59
C GLY B 10 -23.97 -15.41 5.56
N PRO B 11 -24.11 -14.56 4.53
CA PRO B 11 -23.03 -14.41 3.54
C PRO B 11 -21.71 -13.97 4.15
N GLY B 13 -18.63 -11.54 4.84
CA GLY B 13 -18.52 -10.09 4.81
C GLY B 13 -17.89 -9.59 3.51
N LEU B 14 -18.01 -8.29 3.30
CA LEU B 14 -17.40 -7.65 2.15
C LEU B 14 -15.88 -7.62 2.29
N LYS B 15 -15.20 -7.70 1.16
CA LYS B 15 -13.76 -7.55 1.14
C LYS B 15 -13.36 -6.16 1.66
N GLY B 16 -12.23 -6.11 2.35
CA GLY B 16 -11.75 -4.84 2.86
C GLY B 16 -11.35 -3.89 1.76
N HIS B 17 -11.25 -2.61 2.12
CA HIS B 17 -10.76 -1.60 1.21
C HIS B 17 -9.29 -1.77 0.95
N ARG B 18 -8.86 -1.25 -0.19
CA ARG B 18 -7.46 -1.28 -0.54
C ARG B 18 -6.63 -0.53 0.49
N GLY B 19 -5.41 -0.98 0.68
CA GLY B 19 -4.51 -0.31 1.60
C GLY B 19 -4.14 1.09 1.15
N PHE B 20 -3.60 1.85 2.08
CA PHE B 20 -3.03 3.15 1.75
C PHE B 20 -1.91 2.98 0.74
N THR B 21 -1.72 4.01 -0.07
CA THR B 21 -0.59 4.04 -0.99
C THR B 21 0.71 4.06 -0.20
N GLY B 22 1.73 3.44 -0.77
CA GLY B 22 3.02 3.40 -0.10
C GLY B 22 3.65 4.77 0.09
N LEU B 23 4.60 4.82 1.01
CA LEU B 23 5.39 6.03 1.23
C LEU B 23 6.27 6.30 0.02
N GLN B 24 6.63 7.56 -0.14
CA GLN B 24 7.57 7.92 -1.20
C GLN B 24 8.95 7.34 -0.92
N GLY B 25 9.63 6.90 -1.97
CA GLY B 25 10.99 6.45 -1.80
C GLY B 25 11.95 7.56 -1.40
N PRO B 26 13.15 7.17 -0.94
CA PRO B 26 14.12 8.15 -0.47
C PRO B 26 14.71 8.94 -1.66
N GLY B 28 17.55 10.26 -4.16
CA GLY B 28 18.70 9.59 -4.72
C GLY B 28 20.03 10.10 -4.22
N PRO B 29 21.08 9.41 -4.63
CA PRO B 29 22.44 9.81 -4.26
C PRO B 29 22.83 11.16 -4.88
N GLY B 31 24.87 13.65 -7.26
CA GLY B 31 25.29 13.52 -8.64
C GLY B 31 26.78 13.33 -8.76
N PRO B 32 27.24 13.03 -9.99
CA PRO B 32 28.67 12.93 -10.26
C PRO B 32 29.37 14.29 -10.10
N GLY B 34 31.42 17.53 -11.26
CA GLY B 34 31.32 18.29 -12.49
C GLY B 34 32.55 18.15 -13.38
N PRO B 35 32.47 18.77 -14.56
CA PRO B 35 33.61 18.73 -15.48
C PRO B 35 34.80 19.54 -14.95
N GLY B 37 37.56 22.41 -14.69
CA GLY B 37 37.59 23.79 -15.06
C GLY B 37 38.45 24.07 -16.27
N PRO C 2 -42.86 -22.96 14.99
CA PRO C 2 -42.34 -21.80 14.24
C PRO C 2 -40.93 -22.04 13.69
N GLY C 4 -36.94 -21.71 13.21
CA GLY C 4 -35.86 -21.48 14.14
C GLY C 4 -35.42 -20.03 14.10
N PRO C 5 -34.54 -19.66 15.02
CA PRO C 5 -34.03 -18.30 15.01
C PRO C 5 -33.08 -18.03 13.85
N GLY C 7 -29.83 -17.32 11.73
CA GLY C 7 -28.50 -17.83 11.88
C GLY C 7 -27.50 -16.77 12.35
N PRO C 8 -26.27 -17.20 12.61
CA PRO C 8 -25.21 -16.29 13.01
C PRO C 8 -24.67 -15.50 11.82
N GLY C 10 -22.21 -14.38 8.97
CA GLY C 10 -21.31 -15.10 8.12
C GLY C 10 -19.86 -14.90 8.48
N PRO C 11 -18.98 -15.63 7.80
CA PRO C 11 -17.55 -15.45 8.04
C PRO C 11 -17.10 -14.04 7.68
N GLY C 13 -15.11 -11.00 5.91
CA GLY C 13 -14.64 -10.77 4.56
C GLY C 13 -13.15 -10.99 4.39
N LEU C 14 -12.75 -11.10 3.12
CA LEU C 14 -11.35 -11.18 2.75
C LEU C 14 -10.65 -9.86 3.00
N LYS C 15 -9.35 -9.92 3.26
CA LYS C 15 -8.58 -8.70 3.42
C LYS C 15 -8.54 -7.89 2.14
N GLY C 16 -8.45 -6.57 2.27
CA GLY C 16 -8.31 -5.73 1.11
C GLY C 16 -7.00 -5.95 0.38
N HIS C 17 -6.98 -5.51 -0.88
CA HIS C 17 -5.75 -5.56 -1.65
C HIS C 17 -4.70 -4.61 -1.08
N ARG C 18 -3.44 -4.96 -1.28
CA ARG C 18 -2.34 -4.08 -0.92
CA ARG C 18 -2.36 -4.07 -0.91
C ARG C 18 -2.50 -2.75 -1.65
N GLY C 19 -2.13 -1.66 -0.97
CA GLY C 19 -2.12 -0.37 -1.62
C GLY C 19 -1.12 -0.30 -2.77
N PHE C 20 -1.29 0.72 -3.59
CA PHE C 20 -0.34 0.92 -4.66
C PHE C 20 1.02 1.32 -4.11
N THR C 21 2.05 0.97 -4.87
CA THR C 21 3.41 1.35 -4.51
C THR C 21 3.56 2.87 -4.51
N GLY C 22 4.37 3.36 -3.59
CA GLY C 22 4.61 4.78 -3.45
C GLY C 22 5.35 5.39 -4.62
N LEU C 23 5.38 6.71 -4.59
CA LEU C 23 6.08 7.51 -5.59
C LEU C 23 7.58 7.25 -5.55
N GLN C 24 8.20 7.29 -6.72
CA GLN C 24 9.65 7.30 -6.76
C GLN C 24 10.20 8.51 -6.01
N GLY C 25 11.30 8.32 -5.33
CA GLY C 25 11.92 9.39 -4.59
C GLY C 25 12.44 10.48 -5.47
N PRO C 26 12.70 11.64 -4.87
CA PRO C 26 13.27 12.76 -5.57
C PRO C 26 14.68 12.46 -6.12
N GLY C 28 18.63 13.03 -6.41
CA GLY C 28 19.59 13.51 -5.45
C GLY C 28 20.07 14.90 -5.77
N PRO C 29 20.89 15.44 -4.86
CA PRO C 29 21.40 16.78 -5.04
C PRO C 29 22.50 16.84 -6.08
N GLY C 31 26.05 17.07 -7.80
CA GLY C 31 27.34 16.54 -7.43
C GLY C 31 28.33 17.63 -7.06
N PRO C 32 29.52 17.20 -6.62
CA PRO C 32 30.59 18.13 -6.27
C PRO C 32 31.02 18.95 -7.46
N GLY C 34 33.60 20.26 -10.22
CA GLY C 34 34.64 19.55 -10.90
C GLY C 34 36.02 19.92 -10.39
N PRO C 35 37.01 19.16 -10.87
CA PRO C 35 38.39 19.43 -10.51
C PRO C 35 38.91 20.69 -11.20
N GLY C 37 40.93 23.38 -13.48
CA GLY C 37 41.53 23.49 -14.79
C GLY C 37 43.01 23.80 -14.77
#